data_2X9Z
#
_entry.id   2X9Z
#
_cell.length_a   94.975
_cell.length_b   46.635
_cell.length_c   64.380
_cell.angle_alpha   90.00
_cell.angle_beta   115.49
_cell.angle_gamma   90.00
#
_symmetry.space_group_name_H-M   'C 1 2 1'
#
loop_
_entity.id
_entity.type
_entity.pdbx_description
1 polymer 'CELL WALL SURFACE ANCHOR FAMILY PROTEIN'
2 water water
#
_entity_poly.entity_id   1
_entity_poly.type   'polypeptide(L)'
_entity_poly.pdbx_seq_one_letter_code
;AKPKIDKDFKGKANPDTPRVDKDTPVNHQVGDVVEYEIVTKIPALANYATANWSDR(MSE)TEGLAFNKGTVKVTVDDVA
LEAGDYALTEVATGFDLKLTDAGLAKVNDQNAEKTVKITYSATLNDKAIVEVPESNDVTFNYGNNPDHGNTPKPNKPNEN
GDLTLTKTWVDATGAPIPAGAEATFDLVNAQAGKVVQTVTLTTDKNTVTVNGLDKNTEYKFVERSIKGYSADYQEITTAG
EIAVKNWKDENPKPLDPTEPKVVTYG
;
_entity_poly.pdbx_strand_id   A
#
# COMPACT_ATOMS: atom_id res chain seq x y z
N ALA A 1 1.84 -6.31 21.55
CA ALA A 1 1.08 -7.08 20.57
C ALA A 1 0.87 -6.28 19.30
N LYS A 2 1.17 -6.90 18.16
CA LYS A 2 1.08 -6.23 16.87
C LYS A 2 -0.30 -6.35 16.25
N PRO A 3 -0.71 -5.33 15.49
CA PRO A 3 -1.93 -5.46 14.69
C PRO A 3 -1.70 -6.48 13.58
N LYS A 4 -2.79 -7.02 13.02
CA LYS A 4 -2.71 -7.98 11.93
C LYS A 4 -3.61 -7.53 10.81
N ILE A 5 -3.28 -7.91 9.58
CA ILE A 5 -4.04 -7.46 8.42
C ILE A 5 -4.11 -8.52 7.33
N ASP A 6 -5.20 -8.48 6.57
CA ASP A 6 -5.29 -9.28 5.37
C ASP A 6 -6.09 -8.51 4.33
N LYS A 7 -5.79 -8.78 3.06
CA LYS A 7 -6.55 -8.21 1.96
C LYS A 7 -6.97 -9.31 1.01
N ASP A 8 -8.23 -9.30 0.60
CA ASP A 8 -8.70 -10.30 -0.34
C ASP A 8 -10.00 -9.83 -0.99
N PHE A 9 -10.57 -10.67 -1.82
CA PHE A 9 -11.88 -10.38 -2.39
C PHE A 9 -12.94 -10.45 -1.30
N LYS A 10 -14.11 -9.87 -1.58
CA LYS A 10 -15.22 -9.83 -0.63
C LYS A 10 -15.48 -11.20 0.00
N GLY A 11 -15.53 -11.24 1.34
CA GLY A 11 -15.86 -12.44 2.07
C GLY A 11 -14.69 -13.37 2.36
N LYS A 12 -13.51 -13.03 1.88
CA LYS A 12 -12.38 -13.95 1.94
C LYS A 12 -11.21 -13.49 2.79
N ALA A 13 -11.21 -12.23 3.22
CA ALA A 13 -10.10 -11.73 4.03
C ALA A 13 -10.15 -12.27 5.45
N ASN A 14 -8.98 -12.64 5.97
CA ASN A 14 -8.90 -13.28 7.28
C ASN A 14 -7.47 -13.17 7.80
N PRO A 15 -7.21 -12.19 8.68
CA PRO A 15 -5.84 -11.96 9.15
C PRO A 15 -5.24 -13.13 9.90
N ASP A 16 -6.09 -13.90 10.59
CA ASP A 16 -5.61 -15.05 11.35
C ASP A 16 -5.25 -16.21 10.44
N THR A 17 -6.04 -16.38 9.38
CA THR A 17 -5.86 -17.49 8.45
C THR A 17 -6.09 -17.01 7.04
N PRO A 18 -5.07 -16.40 6.42
CA PRO A 18 -5.25 -15.90 5.06
C PRO A 18 -5.60 -17.03 4.08
N ARG A 19 -6.29 -16.67 3.01
CA ARG A 19 -6.81 -17.65 2.06
C ARG A 19 -5.71 -18.47 1.41
N VAL A 20 -5.82 -19.79 1.52
CA VAL A 20 -4.74 -20.71 1.16
C VAL A 20 -4.39 -20.68 -0.33
N ASP A 21 -5.37 -20.37 -1.17
CA ASP A 21 -5.13 -20.38 -2.62
C ASP A 21 -5.12 -18.99 -3.24
N LYS A 22 -4.83 -17.97 -2.43
CA LYS A 22 -4.93 -16.60 -2.92
C LYS A 22 -3.86 -16.27 -3.95
N ASP A 23 -2.79 -17.06 -4.01
CA ASP A 23 -1.75 -16.84 -5.02
C ASP A 23 -2.28 -16.97 -6.45
N THR A 24 -3.34 -17.74 -6.61
CA THR A 24 -3.90 -17.99 -7.92
C THR A 24 -4.80 -16.83 -8.33
N PRO A 25 -4.50 -16.20 -9.47
CA PRO A 25 -5.38 -15.12 -9.92
C PRO A 25 -6.79 -15.63 -10.21
N VAL A 26 -7.78 -14.85 -9.83
CA VAL A 26 -9.17 -15.19 -10.09
C VAL A 26 -9.54 -14.69 -11.48
N ASN A 27 -10.14 -15.57 -12.27
CA ASN A 27 -10.53 -15.26 -13.65
C ASN A 27 -11.70 -14.29 -13.71
N HIS A 28 -11.54 -13.25 -14.53
CA HIS A 28 -12.58 -12.26 -14.75
C HIS A 28 -12.63 -11.85 -16.21
N GLN A 29 -13.65 -11.09 -16.56
CA GLN A 29 -13.75 -10.49 -17.89
C GLN A 29 -13.72 -8.98 -17.77
N VAL A 30 -13.25 -8.32 -18.82
CA VAL A 30 -13.24 -6.87 -18.86
C VAL A 30 -14.65 -6.35 -18.63
N GLY A 31 -14.78 -5.42 -17.70
CA GLY A 31 -16.09 -4.91 -17.32
C GLY A 31 -16.57 -5.41 -15.97
N ASP A 32 -15.99 -6.51 -15.49
CA ASP A 32 -16.37 -7.06 -14.19
C ASP A 32 -16.10 -6.07 -13.06
N VAL A 33 -17.06 -5.94 -12.16
CA VAL A 33 -16.88 -5.19 -10.93
C VAL A 33 -16.36 -6.13 -9.86
N VAL A 34 -15.11 -5.92 -9.45
CA VAL A 34 -14.44 -6.81 -8.52
C VAL A 34 -14.49 -6.20 -7.12
N GLU A 35 -15.02 -6.95 -6.16
CA GLU A 35 -15.21 -6.45 -4.80
C GLU A 35 -14.08 -6.88 -3.89
N TYR A 36 -13.55 -5.92 -3.13
CA TYR A 36 -12.41 -6.11 -2.26
C TYR A 36 -12.72 -5.80 -0.81
N GLU A 37 -11.93 -6.38 0.08
CA GLU A 37 -11.98 -6.01 1.49
C GLU A 37 -10.61 -6.10 2.14
N ILE A 38 -10.37 -5.19 3.08
CA ILE A 38 -9.17 -5.17 3.88
C ILE A 38 -9.64 -5.29 5.33
N VAL A 39 -9.14 -6.31 6.02
CA VAL A 39 -9.54 -6.56 7.40
C VAL A 39 -8.32 -6.42 8.30
N THR A 40 -8.44 -5.61 9.35
CA THR A 40 -7.34 -5.32 10.26
C THR A 40 -7.77 -5.57 11.70
N LYS A 41 -6.93 -6.29 12.43
CA LYS A 41 -7.18 -6.55 13.84
C LYS A 41 -6.26 -5.67 14.67
N ILE A 42 -6.87 -4.83 15.50
CA ILE A 42 -6.11 -3.94 16.38
C ILE A 42 -6.18 -4.51 17.79
N PRO A 43 -5.02 -4.66 18.44
CA PRO A 43 -4.97 -5.34 19.74
C PRO A 43 -5.70 -4.55 20.85
N ALA A 44 -6.11 -5.25 21.89
CA ALA A 44 -6.63 -4.58 23.09
C ALA A 44 -5.63 -3.58 23.66
N LEU A 45 -6.14 -2.50 24.23
CA LEU A 45 -5.34 -1.49 24.93
C LEU A 45 -4.35 -0.76 24.01
N ALA A 46 -4.70 -0.60 22.75
CA ALA A 46 -3.89 0.17 21.81
C ALA A 46 -3.90 1.66 22.16
N ASN A 47 -2.82 2.35 21.81
CA ASN A 47 -2.76 3.80 21.98
C ASN A 47 -2.14 4.47 20.76
N TYR A 48 -2.69 4.16 19.58
CA TYR A 48 -2.10 4.67 18.35
C TYR A 48 -2.39 6.15 18.16
N ALA A 49 -1.37 6.87 17.69
CA ALA A 49 -1.53 8.25 17.24
C ALA A 49 -2.01 8.28 15.79
N THR A 50 -1.73 7.21 15.04
CA THR A 50 -2.10 7.11 13.64
C THR A 50 -2.55 5.69 13.33
N ALA A 51 -3.66 5.59 12.59
CA ALA A 51 -4.11 4.35 12.01
C ALA A 51 -4.55 4.69 10.59
N ASN A 52 -3.65 4.42 9.63
CA ASN A 52 -3.87 4.80 8.24
CA ASN A 52 -3.82 4.83 8.24
C ASN A 52 -3.74 3.63 7.30
N TRP A 53 -4.66 3.54 6.36
CA TRP A 53 -4.60 2.52 5.32
C TRP A 53 -4.39 3.20 3.96
N SER A 54 -3.49 2.66 3.16
CA SER A 54 -3.15 3.24 1.88
C SER A 54 -3.21 2.10 0.86
N ASP A 55 -3.91 2.33 -0.25
CA ASP A 55 -4.18 1.28 -1.23
C ASP A 55 -3.98 1.82 -2.64
N ARG A 56 -3.18 1.13 -3.47
CA ARG A 56 -3.05 1.48 -4.88
C ARG A 56 -3.14 0.23 -5.71
N MSE A 57 -3.54 0.36 -6.97
CA MSE A 57 -3.70 -0.82 -7.80
C MSE A 57 -3.19 -0.61 -9.22
O MSE A 57 -3.05 0.52 -9.69
CB MSE A 57 -5.15 -1.31 -7.77
CG MSE A 57 -6.17 -0.31 -8.27
SE MSE A 57 -7.92 -0.61 -7.41
CE MSE A 57 -7.45 0.12 -5.67
N THR A 58 -2.88 -1.71 -9.89
CA THR A 58 -2.29 -1.66 -11.22
C THR A 58 -3.32 -1.20 -12.26
N GLU A 59 -2.84 -0.75 -13.42
CA GLU A 59 -3.66 0.04 -14.32
C GLU A 59 -4.87 -0.70 -14.94
N GLY A 60 -4.82 -2.02 -14.96
CA GLY A 60 -5.92 -2.82 -15.48
C GLY A 60 -7.10 -2.90 -14.54
N LEU A 61 -6.92 -2.39 -13.32
CA LEU A 61 -8.02 -2.27 -12.37
C LEU A 61 -8.35 -0.81 -12.14
N ALA A 62 -9.54 -0.39 -12.55
CA ALA A 62 -9.98 0.98 -12.33
C ALA A 62 -10.66 1.07 -10.98
N PHE A 63 -10.01 1.72 -10.03
CA PHE A 63 -10.61 1.97 -8.72
C PHE A 63 -11.98 2.65 -8.88
N ASN A 64 -13.00 2.13 -8.20
CA ASN A 64 -14.34 2.71 -8.29
C ASN A 64 -14.56 3.75 -7.18
N LYS A 65 -14.40 5.02 -7.53
CA LYS A 65 -14.56 6.07 -6.54
C LYS A 65 -15.97 6.08 -5.98
N GLY A 66 -16.08 6.35 -4.68
CA GLY A 66 -17.37 6.44 -4.02
C GLY A 66 -17.81 5.13 -3.40
N THR A 67 -17.04 4.06 -3.60
CA THR A 67 -17.42 2.74 -3.12
C THR A 67 -16.81 2.32 -1.79
N VAL A 68 -16.00 3.17 -1.18
CA VAL A 68 -15.32 2.80 0.07
C VAL A 68 -16.26 2.88 1.26
N LYS A 69 -16.34 1.78 2.01
CA LYS A 69 -17.09 1.71 3.25
C LYS A 69 -16.17 1.21 4.36
N VAL A 70 -16.34 1.74 5.57
CA VAL A 70 -15.50 1.32 6.69
C VAL A 70 -16.32 1.06 7.95
N THR A 71 -16.04 -0.08 8.58
CA THR A 71 -16.73 -0.49 9.80
C THR A 71 -15.71 -0.88 10.87
N VAL A 72 -16.10 -0.72 12.12
CA VAL A 72 -15.37 -1.28 13.25
C VAL A 72 -16.31 -2.25 13.96
N ASP A 73 -15.89 -3.51 14.09
CA ASP A 73 -16.75 -4.57 14.63
C ASP A 73 -18.11 -4.57 13.95
N ASP A 74 -18.10 -4.36 12.63
CA ASP A 74 -19.29 -4.36 11.80
C ASP A 74 -20.26 -3.20 12.04
N VAL A 75 -19.80 -2.17 12.73
CA VAL A 75 -20.57 -0.94 12.88
C VAL A 75 -19.96 0.14 12.00
N ALA A 76 -20.74 0.71 11.08
CA ALA A 76 -20.23 1.74 10.20
C ALA A 76 -19.69 2.93 11.00
N LEU A 77 -18.52 3.42 10.62
CA LEU A 77 -18.00 4.62 11.24
C LEU A 77 -18.87 5.83 10.88
N GLU A 78 -18.91 6.82 11.77
CA GLU A 78 -19.55 8.08 11.45
C GLU A 78 -18.59 8.88 10.55
N ALA A 79 -19.12 9.79 9.73
CA ALA A 79 -18.30 10.53 8.78
C ALA A 79 -17.07 11.20 9.40
N GLY A 80 -17.24 11.79 10.58
CA GLY A 80 -16.16 12.48 11.25
C GLY A 80 -15.12 11.58 11.90
N ASP A 81 -15.33 10.26 11.81
CA ASP A 81 -14.42 9.29 12.43
C ASP A 81 -13.20 8.98 11.55
N TYR A 82 -13.24 9.38 10.29
CA TYR A 82 -12.15 9.07 9.37
C TYR A 82 -12.05 10.12 8.28
N ALA A 83 -10.90 10.16 7.61
CA ALA A 83 -10.67 11.04 6.48
C ALA A 83 -10.24 10.16 5.32
N LEU A 84 -11.03 10.20 4.25
CA LEU A 84 -10.80 9.41 3.06
C LEU A 84 -10.38 10.32 1.91
N THR A 85 -9.31 9.94 1.22
CA THR A 85 -8.90 10.64 0.01
C THR A 85 -8.81 9.62 -1.11
N GLU A 86 -9.57 9.87 -2.18
CA GLU A 86 -9.64 8.97 -3.31
C GLU A 86 -8.95 9.60 -4.50
N VAL A 87 -8.12 8.80 -5.16
CA VAL A 87 -7.45 9.23 -6.39
C VAL A 87 -7.70 8.20 -7.49
N ALA A 88 -7.16 8.44 -8.66
CA ALA A 88 -7.48 7.60 -9.80
C ALA A 88 -7.12 6.13 -9.56
N THR A 89 -6.03 5.89 -8.85
CA THR A 89 -5.49 4.54 -8.70
C THR A 89 -5.71 3.91 -7.33
N GLY A 90 -6.49 4.55 -6.47
CA GLY A 90 -6.74 4.01 -5.14
C GLY A 90 -7.14 5.05 -4.13
N PHE A 91 -6.78 4.82 -2.87
CA PHE A 91 -7.25 5.69 -1.82
C PHE A 91 -6.39 5.61 -0.57
N ASP A 92 -6.57 6.58 0.30
CA ASP A 92 -5.95 6.59 1.62
C ASP A 92 -7.06 6.90 2.62
N LEU A 93 -7.10 6.13 3.71
CA LEU A 93 -8.16 6.28 4.72
C LEU A 93 -7.47 6.33 6.07
N LYS A 94 -7.67 7.42 6.80
CA LYS A 94 -7.03 7.56 8.09
C LYS A 94 -8.08 7.84 9.17
N LEU A 95 -7.90 7.24 10.34
CA LEU A 95 -8.81 7.53 11.44
C LEU A 95 -8.52 8.92 12.02
N THR A 96 -9.57 9.68 12.29
CA THR A 96 -9.43 10.95 13.02
C THR A 96 -9.33 10.63 14.51
N ASP A 97 -9.20 11.65 15.34
CA ASP A 97 -9.20 11.41 16.78
C ASP A 97 -10.48 10.70 17.22
N ALA A 98 -11.61 11.10 16.63
CA ALA A 98 -12.90 10.49 16.95
C ALA A 98 -12.91 8.99 16.57
N GLY A 99 -12.32 8.65 15.43
CA GLY A 99 -12.22 7.26 15.03
C GLY A 99 -11.21 6.48 15.87
N LEU A 100 -10.09 7.12 16.20
CA LEU A 100 -9.09 6.47 17.03
C LEU A 100 -9.68 6.10 18.38
N ALA A 101 -10.59 6.92 18.88
CA ALA A 101 -11.20 6.64 20.18
C ALA A 101 -11.97 5.33 20.19
N LYS A 102 -12.42 4.90 19.02
CA LYS A 102 -13.20 3.66 18.91
C LYS A 102 -12.34 2.40 18.77
N VAL A 103 -11.04 2.56 18.50
CA VAL A 103 -10.16 1.41 18.42
C VAL A 103 -9.08 1.38 19.48
N ASN A 104 -8.78 2.54 20.07
CA ASN A 104 -7.76 2.64 21.13
C ASN A 104 -8.37 2.35 22.50
N ASP A 105 -7.54 1.86 23.41
CA ASP A 105 -7.95 1.66 24.80
C ASP A 105 -9.24 0.86 24.93
N GLN A 106 -9.34 -0.20 24.14
CA GLN A 106 -10.47 -1.13 24.20
C GLN A 106 -10.03 -2.43 24.89
N ASN A 107 -10.99 -3.15 25.48
CA ASN A 107 -10.63 -4.30 26.30
C ASN A 107 -10.51 -5.63 25.55
N ALA A 108 -10.77 -5.57 24.25
CA ALA A 108 -10.64 -6.73 23.37
C ALA A 108 -10.16 -6.27 22.01
N GLU A 109 -9.66 -7.21 21.22
CA GLU A 109 -9.27 -6.94 19.85
C GLU A 109 -10.42 -6.30 19.08
N LYS A 110 -10.10 -5.30 18.26
CA LYS A 110 -11.11 -4.62 17.45
C LYS A 110 -10.83 -4.91 15.98
N THR A 111 -11.89 -5.12 15.21
CA THR A 111 -11.74 -5.48 13.81
C THR A 111 -12.22 -4.36 12.91
N VAL A 112 -11.31 -3.81 12.12
CA VAL A 112 -11.65 -2.79 11.13
C VAL A 112 -11.81 -3.47 9.79
N LYS A 113 -12.90 -3.18 9.08
CA LYS A 113 -13.09 -3.70 7.74
C LYS A 113 -13.36 -2.56 6.77
N ILE A 114 -12.59 -2.54 5.69
CA ILE A 114 -12.75 -1.55 4.64
C ILE A 114 -13.12 -2.30 3.37
N THR A 115 -14.22 -1.89 2.74
CA THR A 115 -14.65 -2.54 1.51
C THR A 115 -14.72 -1.51 0.39
N TYR A 116 -14.54 -1.99 -0.84
CA TYR A 116 -14.61 -1.13 -2.03
C TYR A 116 -14.59 -2.03 -3.26
N SER A 117 -14.79 -1.44 -4.42
CA SER A 117 -14.69 -2.22 -5.64
C SER A 117 -13.80 -1.55 -6.67
N ALA A 118 -13.39 -2.34 -7.67
CA ALA A 118 -12.64 -1.85 -8.82
C ALA A 118 -13.17 -2.57 -10.04
N THR A 119 -12.95 -2.00 -11.21
CA THR A 119 -13.46 -2.57 -12.44
C THR A 119 -12.31 -3.02 -13.31
N LEU A 120 -12.36 -4.27 -13.78
CA LEU A 120 -11.36 -4.73 -14.73
C LEU A 120 -11.57 -4.02 -16.06
N ASN A 121 -10.54 -3.35 -16.56
CA ASN A 121 -10.70 -2.53 -17.76
C ASN A 121 -9.89 -3.03 -18.96
N ASP A 122 -10.03 -2.36 -20.10
CA ASP A 122 -9.44 -2.84 -21.34
C ASP A 122 -7.93 -2.62 -21.46
N LYS A 123 -7.31 -2.14 -20.39
CA LYS A 123 -5.86 -2.05 -20.34
C LYS A 123 -5.26 -3.38 -19.90
N ALA A 124 -6.10 -4.24 -19.34
CA ALA A 124 -5.64 -5.57 -18.94
C ALA A 124 -5.16 -6.32 -20.17
N ILE A 125 -4.11 -7.11 -20.00
CA ILE A 125 -3.55 -7.92 -21.07
C ILE A 125 -3.81 -9.38 -20.74
N VAL A 126 -4.26 -10.15 -21.72
CA VAL A 126 -4.61 -11.54 -21.45
C VAL A 126 -3.42 -12.28 -20.82
N GLU A 127 -3.74 -13.09 -19.82
CA GLU A 127 -2.78 -13.94 -19.12
C GLU A 127 -1.84 -13.20 -18.17
N VAL A 128 -1.98 -11.88 -18.11
CA VAL A 128 -1.12 -11.08 -17.22
C VAL A 128 -1.96 -10.52 -16.06
N PRO A 129 -1.60 -10.88 -14.82
CA PRO A 129 -2.46 -10.49 -13.71
C PRO A 129 -2.49 -8.98 -13.44
N GLU A 130 -3.53 -8.55 -12.73
CA GLU A 130 -3.58 -7.23 -12.13
C GLU A 130 -3.67 -7.41 -10.61
N SER A 131 -3.17 -6.43 -9.86
CA SER A 131 -3.15 -6.56 -8.42
C SER A 131 -3.21 -5.20 -7.73
N ASN A 132 -3.08 -5.23 -6.41
CA ASN A 132 -3.08 -4.00 -5.66
C ASN A 132 -2.10 -4.14 -4.52
N ASP A 133 -1.79 -3.03 -3.85
CA ASP A 133 -0.85 -3.04 -2.74
C ASP A 133 -1.35 -2.12 -1.65
N VAL A 134 -1.34 -2.62 -0.41
CA VAL A 134 -1.87 -1.90 0.74
C VAL A 134 -0.83 -1.84 1.83
N THR A 135 -0.82 -0.75 2.58
CA THR A 135 -0.11 -0.70 3.85
C THR A 135 -1.04 -0.23 4.93
N PHE A 136 -0.79 -0.75 6.13
CA PHE A 136 -1.34 -0.18 7.35
C PHE A 136 -0.19 0.53 8.05
N ASN A 137 -0.26 1.86 8.08
CA ASN A 137 0.76 2.69 8.69
C ASN A 137 0.25 3.17 10.02
N TYR A 138 0.95 2.78 11.09
CA TYR A 138 0.44 3.01 12.43
C TYR A 138 1.58 3.26 13.40
N GLY A 139 1.25 3.68 14.61
CA GLY A 139 2.24 3.80 15.65
C GLY A 139 1.73 4.66 16.78
N ASN A 140 2.50 4.69 17.86
CA ASN A 140 2.17 5.54 19.00
C ASN A 140 2.55 7.00 18.77
N ASN A 141 3.38 7.23 17.75
CA ASN A 141 3.67 8.59 17.26
C ASN A 141 2.95 8.81 15.94
N PRO A 142 2.71 10.07 15.57
CA PRO A 142 2.10 10.29 14.26
C PRO A 142 2.92 9.61 13.16
N ASP A 143 2.26 8.93 12.24
CA ASP A 143 2.96 8.27 11.15
C ASP A 143 2.62 8.87 9.79
N HIS A 144 3.65 9.07 8.97
CA HIS A 144 3.51 9.71 7.66
C HIS A 144 3.69 8.74 6.50
N GLY A 145 3.80 7.45 6.79
CA GLY A 145 3.98 6.45 5.75
C GLY A 145 2.72 6.10 4.98
N ASN A 146 2.91 5.49 3.82
CA ASN A 146 1.81 5.07 2.97
C ASN A 146 2.31 3.97 2.00
N THR A 147 1.51 3.60 1.01
CA THR A 147 1.82 2.42 0.21
C THR A 147 2.52 2.81 -1.10
N PRO A 148 3.35 1.89 -1.65
CA PRO A 148 3.98 2.21 -2.95
C PRO A 148 2.97 2.54 -4.06
N LYS A 149 3.35 3.46 -4.94
CA LYS A 149 2.58 3.76 -6.15
C LYS A 149 3.30 3.09 -7.33
N PRO A 150 2.65 2.12 -7.98
CA PRO A 150 3.33 1.46 -9.10
C PRO A 150 3.59 2.40 -10.27
N ASN A 151 4.66 2.13 -11.02
CA ASN A 151 4.99 2.93 -12.20
C ASN A 151 5.67 2.08 -13.26
N LYS A 152 5.52 2.49 -14.51
CA LYS A 152 6.27 1.88 -15.59
C LYS A 152 7.63 2.54 -15.70
N PRO A 153 8.61 1.82 -16.28
CA PRO A 153 9.88 2.47 -16.62
C PRO A 153 9.64 3.48 -17.73
N ASN A 154 10.65 4.28 -18.06
CA ASN A 154 10.56 5.12 -19.25
C ASN A 154 10.74 4.30 -20.51
N GLU A 155 10.66 4.94 -21.66
CA GLU A 155 10.75 4.24 -22.94
C GLU A 155 12.05 3.46 -23.11
N ASN A 156 13.09 3.85 -22.38
CA ASN A 156 14.38 3.18 -22.49
C ASN A 156 14.54 2.02 -21.51
N GLY A 157 13.51 1.77 -20.70
CA GLY A 157 13.56 0.68 -19.75
C GLY A 157 14.22 1.06 -18.45
N ASP A 158 14.39 2.36 -18.22
CA ASP A 158 14.99 2.85 -16.99
C ASP A 158 13.94 3.28 -15.97
N LEU A 159 14.21 2.99 -14.71
CA LEU A 159 13.35 3.43 -13.62
C LEU A 159 14.19 3.94 -12.46
N THR A 160 14.04 5.22 -12.15
CA THR A 160 14.86 5.90 -11.15
C THR A 160 14.09 6.21 -9.87
N LEU A 161 14.70 5.83 -8.76
CA LEU A 161 14.20 6.14 -7.42
C LEU A 161 14.94 7.36 -6.87
N THR A 162 14.20 8.35 -6.40
CA THR A 162 14.78 9.51 -5.71
C THR A 162 14.26 9.51 -4.28
N LYS A 163 15.16 9.71 -3.32
CA LYS A 163 14.80 9.68 -1.91
C LYS A 163 15.15 10.97 -1.21
N THR A 164 14.27 11.44 -0.35
CA THR A 164 14.57 12.55 0.55
C THR A 164 14.28 12.12 1.98
N TRP A 165 14.80 12.88 2.94
CA TRP A 165 14.68 12.53 4.34
C TRP A 165 14.23 13.75 5.15
N VAL A 166 13.27 13.54 6.06
CA VAL A 166 12.81 14.60 6.96
C VAL A 166 12.64 14.05 8.37
N ASP A 167 12.69 14.93 9.36
CA ASP A 167 12.41 14.50 10.72
C ASP A 167 10.89 14.45 10.94
N ALA A 168 10.48 14.18 12.18
CA ALA A 168 9.05 14.01 12.47
C ALA A 168 8.22 15.25 12.12
N THR A 169 8.84 16.43 12.13
CA THR A 169 8.13 17.68 11.84
C THR A 169 8.06 17.97 10.34
N GLY A 170 8.77 17.19 9.54
CA GLY A 170 8.81 17.40 8.11
C GLY A 170 9.98 18.24 7.64
N ALA A 171 10.88 18.61 8.56
CA ALA A 171 12.07 19.37 8.19
C ALA A 171 13.16 18.46 7.65
N PRO A 172 13.82 18.88 6.56
CA PRO A 172 14.89 18.09 5.97
C PRO A 172 16.01 17.74 6.94
N ILE A 173 16.52 16.52 6.83
CA ILE A 173 17.67 16.07 7.59
C ILE A 173 18.57 15.24 6.67
N PRO A 174 19.84 15.03 7.08
CA PRO A 174 20.71 14.15 6.28
C PRO A 174 20.18 12.71 6.26
N ALA A 175 20.59 11.93 5.26
CA ALA A 175 20.16 10.54 5.18
C ALA A 175 20.37 9.81 6.52
N GLY A 176 19.37 9.08 6.97
CA GLY A 176 19.45 8.43 8.27
C GLY A 176 20.24 7.13 8.26
N ALA A 177 20.22 6.43 7.12
CA ALA A 177 20.85 5.13 7.00
C ALA A 177 20.89 4.71 5.56
N GLU A 178 21.76 3.76 5.25
CA GLU A 178 21.71 3.09 3.97
C GLU A 178 20.29 2.52 3.78
N ALA A 179 19.73 2.69 2.58
CA ALA A 179 18.34 2.30 2.34
C ALA A 179 18.29 1.25 1.24
N THR A 180 17.66 0.12 1.53
CA THR A 180 17.54 -0.95 0.55
C THR A 180 16.09 -1.06 0.07
N PHE A 181 15.91 -1.25 -1.22
CA PHE A 181 14.58 -1.38 -1.81
C PHE A 181 14.51 -2.61 -2.68
N ASP A 182 13.40 -3.33 -2.60
CA ASP A 182 13.13 -4.38 -3.54
C ASP A 182 12.25 -3.85 -4.65
N LEU A 183 12.72 -3.93 -5.88
CA LEU A 183 11.90 -3.60 -7.03
C LEU A 183 11.06 -4.83 -7.37
N VAL A 184 9.76 -4.71 -7.25
CA VAL A 184 8.83 -5.82 -7.38
C VAL A 184 7.93 -5.58 -8.58
N ASN A 185 7.67 -6.62 -9.35
CA ASN A 185 6.65 -6.56 -10.39
C ASN A 185 5.32 -6.34 -9.69
N ALA A 186 4.67 -5.20 -9.93
CA ALA A 186 3.48 -4.84 -9.17
C ALA A 186 2.28 -5.72 -9.52
N GLN A 187 2.34 -6.35 -10.69
CA GLN A 187 1.23 -7.14 -11.16
C GLN A 187 1.34 -8.59 -10.69
N ALA A 188 2.55 -9.14 -10.77
CA ALA A 188 2.77 -10.56 -10.49
C ALA A 188 3.31 -10.85 -9.10
N GLY A 189 4.06 -9.90 -8.53
CA GLY A 189 4.47 -9.99 -7.14
C GLY A 189 5.90 -10.44 -6.85
N LYS A 190 6.66 -10.76 -7.89
CA LYS A 190 8.02 -11.26 -7.70
C LYS A 190 9.08 -10.16 -7.68
N VAL A 191 10.13 -10.36 -6.90
CA VAL A 191 11.24 -9.40 -6.84
C VAL A 191 12.12 -9.47 -8.09
N VAL A 192 12.26 -8.34 -8.78
CA VAL A 192 13.05 -8.31 -10.00
CA VAL A 192 13.02 -8.24 -10.02
C VAL A 192 14.45 -7.75 -9.80
N GLN A 193 14.62 -6.86 -8.83
CA GLN A 193 15.93 -6.33 -8.51
C GLN A 193 15.93 -5.80 -7.09
N THR A 194 17.09 -5.82 -6.46
CA THR A 194 17.26 -5.21 -5.15
C THR A 194 18.32 -4.14 -5.30
N VAL A 195 18.01 -2.92 -4.87
CA VAL A 195 18.93 -1.80 -5.00
C VAL A 195 19.22 -1.20 -3.64
N THR A 196 20.37 -0.54 -3.53
CA THR A 196 20.79 0.08 -2.29
CA THR A 196 20.75 0.09 -2.28
C THR A 196 21.16 1.52 -2.52
N LEU A 197 20.67 2.41 -1.66
CA LEU A 197 21.01 3.81 -1.72
C LEU A 197 21.95 4.12 -0.55
N THR A 198 23.21 4.40 -0.87
CA THR A 198 24.15 4.79 0.17
C THR A 198 23.81 6.20 0.64
N THR A 199 24.35 6.56 1.80
CA THR A 199 23.95 7.81 2.46
C THR A 199 24.50 9.05 1.77
N ASP A 200 25.43 8.86 0.84
CA ASP A 200 26.01 9.96 0.06
C ASP A 200 25.26 10.20 -1.26
N LYS A 201 24.18 9.45 -1.49
CA LYS A 201 23.42 9.54 -2.72
C LYS A 201 21.93 9.70 -2.45
N ASN A 202 21.20 10.25 -3.42
CA ASN A 202 19.76 10.42 -3.28
C ASN A 202 18.99 9.78 -4.42
N THR A 203 19.70 9.20 -5.38
CA THR A 203 19.05 8.55 -6.51
C THR A 203 19.70 7.23 -6.84
N VAL A 204 18.89 6.32 -7.37
CA VAL A 204 19.40 5.06 -7.89
C VAL A 204 18.50 4.61 -9.05
N THR A 205 19.12 4.07 -10.11
CA THR A 205 18.39 3.70 -11.31
C THR A 205 18.52 2.22 -11.62
N VAL A 206 17.41 1.60 -11.98
CA VAL A 206 17.42 0.24 -12.48
C VAL A 206 17.22 0.28 -14.01
N ASN A 207 18.06 -0.46 -14.72
CA ASN A 207 17.99 -0.46 -16.18
C ASN A 207 17.43 -1.78 -16.71
N GLY A 208 17.07 -1.80 -17.99
CA GLY A 208 16.72 -3.04 -18.66
C GLY A 208 15.37 -3.63 -18.32
N LEU A 209 14.45 -2.77 -17.89
CA LEU A 209 13.10 -3.20 -17.48
C LEU A 209 12.14 -3.22 -18.66
N ASP A 210 10.98 -3.83 -18.46
CA ASP A 210 9.95 -3.90 -19.48
C ASP A 210 9.11 -2.64 -19.44
N LYS A 211 9.14 -1.85 -20.51
CA LYS A 211 8.48 -0.55 -20.52
C LYS A 211 6.96 -0.65 -20.37
N ASN A 212 6.42 -1.85 -20.56
CA ASN A 212 4.99 -2.07 -20.48
C ASN A 212 4.54 -2.74 -19.17
N THR A 213 5.48 -2.89 -18.23
CA THR A 213 5.18 -3.52 -16.96
C THR A 213 5.23 -2.48 -15.85
N GLU A 214 4.29 -2.56 -14.90
CA GLU A 214 4.34 -1.70 -13.73
C GLU A 214 5.13 -2.34 -12.62
N TYR A 215 6.02 -1.56 -12.00
CA TYR A 215 6.85 -2.02 -10.90
C TYR A 215 6.67 -1.12 -9.69
N LYS A 216 7.16 -1.57 -8.55
CA LYS A 216 7.14 -0.75 -7.34
C LYS A 216 8.42 -0.97 -6.58
N PHE A 217 9.00 0.11 -6.04
CA PHE A 217 10.12 -0.02 -5.09
C PHE A 217 9.50 -0.15 -3.71
N VAL A 218 9.76 -1.27 -3.04
CA VAL A 218 9.27 -1.46 -1.67
C VAL A 218 10.45 -1.29 -0.72
N GLU A 219 10.40 -0.25 0.11
CA GLU A 219 11.48 0.02 1.05
C GLU A 219 11.55 -1.08 2.11
N ARG A 220 12.71 -1.70 2.27
CA ARG A 220 12.91 -2.54 3.44
C ARG A 220 12.92 -1.65 4.69
N SER A 221 12.20 -2.05 5.72
CA SER A 221 12.04 -1.22 6.90
C SER A 221 13.37 -0.70 7.43
N ILE A 222 13.43 0.61 7.63
CA ILE A 222 14.57 1.27 8.25
C ILE A 222 14.12 1.67 9.65
N LYS A 223 14.82 1.18 10.67
CA LYS A 223 14.41 1.39 12.04
C LYS A 223 14.18 2.87 12.33
N GLY A 224 12.95 3.22 12.70
CA GLY A 224 12.63 4.58 13.09
C GLY A 224 12.16 5.50 11.96
N TYR A 225 12.14 4.99 10.74
CA TYR A 225 11.71 5.77 9.58
C TYR A 225 10.51 5.14 8.88
N SER A 226 9.58 5.98 8.46
CA SER A 226 8.42 5.55 7.67
C SER A 226 8.51 6.09 6.26
N ALA A 227 8.01 5.30 5.31
CA ALA A 227 8.17 5.60 3.89
C ALA A 227 6.91 6.22 3.30
N ASP A 228 7.07 7.44 2.77
CA ASP A 228 6.00 8.22 2.17
C ASP A 228 6.25 8.26 0.66
N TYR A 229 5.56 7.41 -0.08
CA TYR A 229 5.74 7.29 -1.52
C TYR A 229 4.91 8.38 -2.22
N GLN A 230 5.59 9.20 -3.01
CA GLN A 230 4.95 10.33 -3.67
C GLN A 230 4.09 9.86 -4.85
N GLU A 231 3.08 10.63 -5.20
CA GLU A 231 2.28 10.31 -6.37
C GLU A 231 3.15 10.29 -7.62
N ILE A 232 2.77 9.45 -8.59
CA ILE A 232 3.50 9.34 -9.85
C ILE A 232 3.21 10.51 -10.77
N THR A 233 4.25 11.08 -11.37
CA THR A 233 4.12 12.17 -12.33
C THR A 233 4.68 11.82 -13.70
N THR A 234 5.62 10.88 -13.73
CA THR A 234 6.40 10.61 -14.94
C THR A 234 6.80 9.14 -15.03
N ALA A 235 6.58 8.52 -16.19
CA ALA A 235 7.11 7.18 -16.41
C ALA A 235 8.62 7.19 -16.16
N GLY A 236 9.11 6.18 -15.45
CA GLY A 236 10.53 6.07 -15.18
C GLY A 236 11.04 6.81 -13.95
N GLU A 237 10.14 7.41 -13.17
CA GLU A 237 10.52 8.11 -11.94
C GLU A 237 9.61 7.75 -10.77
N ILE A 238 10.22 7.40 -9.64
CA ILE A 238 9.50 7.17 -8.39
C ILE A 238 10.23 7.94 -7.29
N ALA A 239 9.47 8.65 -6.46
CA ALA A 239 10.06 9.44 -5.36
C ALA A 239 9.53 8.96 -4.03
N VAL A 240 10.41 8.90 -3.04
CA VAL A 240 10.05 8.49 -1.69
CA VAL A 240 10.04 8.49 -1.69
C VAL A 240 10.62 9.48 -0.69
N LYS A 241 9.81 9.84 0.31
CA LYS A 241 10.26 10.71 1.39
C LYS A 241 10.23 9.90 2.68
N ASN A 242 11.38 9.79 3.35
CA ASN A 242 11.45 9.05 4.60
C ASN A 242 11.32 9.99 5.78
N TRP A 243 10.35 9.69 6.66
CA TRP A 243 10.08 10.50 7.83
C TRP A 243 10.59 9.79 9.07
N LYS A 244 11.32 10.51 9.93
CA LYS A 244 11.80 9.91 11.18
C LYS A 244 10.69 9.87 12.23
N ASP A 245 9.70 9.01 12.02
CA ASP A 245 8.52 8.94 12.89
C ASP A 245 8.72 8.07 14.13
N GLU A 246 9.76 7.25 14.14
CA GLU A 246 10.06 6.38 15.29
C GLU A 246 8.89 5.45 15.61
N ASN A 247 8.30 4.89 14.57
CA ASN A 247 7.21 3.92 14.70
C ASN A 247 7.61 2.53 14.21
N PRO A 248 6.79 1.51 14.54
CA PRO A 248 7.05 0.16 14.03
C PRO A 248 6.93 0.12 12.51
N LYS A 249 7.50 -0.91 11.89
CA LYS A 249 7.33 -1.09 10.46
C LYS A 249 5.83 -1.25 10.12
N PRO A 250 5.43 -0.81 8.93
CA PRO A 250 4.01 -0.91 8.57
C PRO A 250 3.60 -2.36 8.30
N LEU A 251 2.31 -2.64 8.33
CA LEU A 251 1.81 -3.92 7.85
C LEU A 251 1.61 -3.88 6.35
N ASP A 252 1.84 -5.02 5.71
CA ASP A 252 1.79 -5.13 4.26
C ASP A 252 1.19 -6.50 3.95
N PRO A 253 -0.13 -6.57 3.73
CA PRO A 253 -0.81 -7.86 3.55
C PRO A 253 -0.44 -8.53 2.23
N THR A 254 -0.56 -9.85 2.19
CA THR A 254 -0.46 -10.55 0.92
C THR A 254 -1.64 -10.11 0.06
N GLU A 255 -1.45 -10.15 -1.26
CA GLU A 255 -2.32 -9.45 -2.20
C GLU A 255 -3.03 -10.45 -3.13
N PRO A 256 -4.32 -10.24 -3.36
CA PRO A 256 -5.07 -11.05 -4.31
C PRO A 256 -4.75 -10.61 -5.72
N LYS A 257 -5.07 -11.46 -6.70
CA LYS A 257 -4.83 -11.13 -8.10
C LYS A 257 -6.02 -11.48 -8.97
N VAL A 258 -6.19 -10.75 -10.05
N VAL A 258 -6.16 -10.75 -10.07
CA VAL A 258 -7.18 -11.10 -11.06
CA VAL A 258 -7.18 -11.02 -11.06
C VAL A 258 -6.49 -11.28 -12.40
C VAL A 258 -6.51 -11.21 -12.42
N VAL A 259 -7.14 -11.98 -13.31
CA VAL A 259 -6.58 -12.20 -14.64
C VAL A 259 -7.73 -12.39 -15.61
N THR A 260 -7.47 -12.14 -16.89
CA THR A 260 -8.43 -12.44 -17.94
C THR A 260 -7.73 -13.23 -19.03
N TYR A 261 -8.50 -14.01 -19.80
CA TYR A 261 -7.95 -14.81 -20.89
C TYR A 261 -8.65 -14.50 -22.20
N GLY A 262 -8.02 -14.86 -23.31
CA GLY A 262 -8.62 -14.69 -24.62
C GLY A 262 -9.46 -15.89 -25.02
#